data_3ADD
#
_entry.id   3ADD
#
_cell.length_a   91.860
_cell.length_b   258.896
_cell.length_c   45.704
_cell.angle_alpha   90.00
_cell.angle_beta   90.00
_cell.angle_gamma   90.00
#
_symmetry.space_group_name_H-M   'P 21 21 2'
#
loop_
_entity.id
_entity.type
_entity.pdbx_description
1 polymer 'L-seryl-tRNA(Sec) kinase'
2 polymer 'selenocysteine tRNA'
3 non-polymer 'PHOSPHOAMINOPHOSPHONIC ACID-ADENYLATE ESTER'
4 non-polymer 'MAGNESIUM ION'
5 water water
#
loop_
_entity_poly.entity_id
_entity_poly.type
_entity_poly.pdbx_seq_one_letter_code
_entity_poly.pdbx_strand_id
1 'polypeptide(L)'
;(MSE)NHKVHHHHHH(MSE)LIILTGLPGVGKSTFSKNLAKILSKNNIDVIVLGSDLIRESFPVWKEKYEEFIKKSTYRL
IDSALKNYWVIVDDTNYYNS(MSE)RRDLINIAKKYNKNYAIIYLKASLDVLIRRNIERGEKIPNEVIKK(MSE)YEKFD
EPGKKYKWDEPFLIIDTTKDIDFNEIAKKLIEKSKEIPKFYVLEENKNKNNNISDKIDKETRKIVSEYIKSKKLDKDKIK
EVVELRKEFLKKIKK(MSE)EEVDADRVLKEFKDLLNSY
;
A,B
2 'polyribonucleotide'
;GGCCGCCGCCACCGGGGUGGUCCCCGGGCCGGACUUCAGAUCCGGCGCGCCCCGAGUGGGGCGCGGGGUUCAAUUCCCCG
CGGCGGCCGCCA
;
C,D
#
loop_
_chem_comp.id
_chem_comp.type
_chem_comp.name
_chem_comp.formula
A RNA linking ADENOSINE-5'-MONOPHOSPHATE 'C10 H14 N5 O7 P'
ANP non-polymer 'PHOSPHOAMINOPHOSPHONIC ACID-ADENYLATE ESTER' 'C10 H17 N6 O12 P3'
C RNA linking CYTIDINE-5'-MONOPHOSPHATE 'C9 H14 N3 O8 P'
G RNA linking GUANOSINE-5'-MONOPHOSPHATE 'C10 H14 N5 O8 P'
MG non-polymer 'MAGNESIUM ION' 'Mg 2'
U RNA linking URIDINE-5'-MONOPHOSPHATE 'C9 H13 N2 O9 P'
#
# COMPACT_ATOMS: atom_id res chain seq x y z
N HIS A 9 -17.88 16.87 -0.26
CA HIS A 9 -16.52 17.47 -0.22
C HIS A 9 -15.43 16.41 -0.42
N HIS A 10 -14.59 16.23 0.60
CA HIS A 10 -13.51 15.27 0.49
C HIS A 10 -13.81 13.96 1.20
N HIS A 11 -12.78 13.17 1.49
CA HIS A 11 -12.99 11.89 2.14
C HIS A 11 -12.41 11.83 3.53
N MSE A 12 -12.93 10.90 4.32
CA MSE A 12 -12.48 10.75 5.70
C MSE A 12 -12.31 9.33 6.21
O MSE A 12 -12.75 8.35 5.60
CB MSE A 12 -13.44 11.49 6.64
CG MSE A 12 -14.83 10.93 6.64
SE MSE A 12 -16.00 11.96 7.76
CE MSE A 12 -14.84 12.28 9.26
N LEU A 13 -11.67 9.25 7.36
CA LEU A 13 -11.39 8.02 8.05
C LEU A 13 -12.44 7.78 9.13
N ILE A 14 -13.18 6.68 9.02
CA ILE A 14 -14.18 6.31 9.99
C ILE A 14 -13.59 5.19 10.83
N ILE A 15 -13.49 5.42 12.12
CA ILE A 15 -12.90 4.47 13.03
C ILE A 15 -13.93 3.84 13.94
N LEU A 16 -14.12 2.53 13.79
CA LEU A 16 -15.09 1.81 14.60
C LEU A 16 -14.40 1.31 15.85
N THR A 17 -15.17 1.12 16.89
CA THR A 17 -14.61 0.66 18.14
C THR A 17 -15.74 -0.01 18.90
N GLY A 18 -15.45 -1.16 19.50
CA GLY A 18 -16.46 -1.94 20.22
C GLY A 18 -16.01 -3.40 20.38
N LEU A 19 -16.53 -4.05 21.42
CA LEU A 19 -16.18 -5.44 21.73
C LEU A 19 -16.63 -6.48 20.72
N PRO A 20 -15.91 -7.61 20.65
CA PRO A 20 -16.23 -8.71 19.73
C PRO A 20 -17.70 -9.10 19.85
N GLY A 21 -18.37 -9.20 18.71
CA GLY A 21 -19.76 -9.58 18.69
C GLY A 21 -20.74 -8.45 18.88
N VAL A 22 -20.23 -7.21 18.90
CA VAL A 22 -21.09 -6.06 19.10
C VAL A 22 -21.81 -5.71 17.78
N GLY A 23 -21.23 -6.21 16.68
CA GLY A 23 -21.80 -5.93 15.38
C GLY A 23 -20.95 -5.01 14.51
N LYS A 24 -19.65 -4.89 14.78
CA LYS A 24 -18.84 -4.00 13.95
C LYS A 24 -18.90 -4.35 12.45
N SER A 25 -18.64 -5.60 12.10
CA SER A 25 -18.62 -5.98 10.69
C SER A 25 -19.93 -5.75 9.98
N THR A 26 -21.03 -6.05 10.66
CA THR A 26 -22.36 -5.89 10.10
C THR A 26 -22.68 -4.41 9.92
N PHE A 27 -22.22 -3.61 10.87
CA PHE A 27 -22.51 -2.21 10.79
C PHE A 27 -21.71 -1.65 9.62
N SER A 28 -20.48 -2.13 9.48
CA SER A 28 -19.58 -1.69 8.43
C SER A 28 -20.17 -1.83 7.04
N LYS A 29 -20.69 -3.03 6.74
CA LYS A 29 -21.27 -3.29 5.43
C LYS A 29 -22.45 -2.41 5.13
N ASN A 30 -23.32 -2.23 6.12
CA ASN A 30 -24.47 -1.39 5.91
C ASN A 30 -24.11 0.05 5.72
N LEU A 31 -23.16 0.55 6.52
CA LEU A 31 -22.78 1.94 6.36
C LEU A 31 -22.11 2.11 4.99
N ALA A 32 -21.25 1.15 4.65
CA ALA A 32 -20.57 1.25 3.36
C ALA A 32 -21.59 1.25 2.22
N LYS A 33 -22.65 0.45 2.33
CA LYS A 33 -23.68 0.42 1.28
C LYS A 33 -24.35 1.78 1.10
N ILE A 34 -24.84 2.36 2.20
CA ILE A 34 -25.51 3.66 2.13
C ILE A 34 -24.60 4.74 1.57
N LEU A 35 -23.37 4.80 2.06
CA LEU A 35 -22.42 5.78 1.57
C LEU A 35 -22.30 5.66 0.05
N SER A 36 -22.21 4.42 -0.44
CA SER A 36 -22.10 4.16 -1.87
C SER A 36 -23.26 4.68 -2.69
N LYS A 37 -24.46 4.58 -2.15
CA LYS A 37 -25.62 5.11 -2.87
C LYS A 37 -25.51 6.63 -2.87
N ASN A 38 -24.85 7.18 -1.86
CA ASN A 38 -24.69 8.63 -1.78
C ASN A 38 -23.46 9.11 -2.52
N ASN A 39 -23.07 8.39 -3.56
CA ASN A 39 -21.93 8.72 -4.42
C ASN A 39 -20.55 8.78 -3.75
N ILE A 40 -20.31 7.95 -2.75
CA ILE A 40 -19.00 7.98 -2.12
C ILE A 40 -18.23 6.70 -2.34
N ASP A 41 -16.95 6.83 -2.62
CA ASP A 41 -16.08 5.68 -2.80
C ASP A 41 -15.52 5.35 -1.41
N VAL A 42 -15.94 4.22 -0.87
CA VAL A 42 -15.48 3.83 0.45
C VAL A 42 -15.09 2.35 0.45
N ILE A 43 -14.10 2.01 1.28
CA ILE A 43 -13.65 0.65 1.42
C ILE A 43 -13.66 0.30 2.92
N VAL A 44 -13.87 -0.97 3.25
CA VAL A 44 -13.94 -1.45 4.61
C VAL A 44 -12.69 -2.27 4.92
N LEU A 45 -11.94 -1.90 5.94
CA LEU A 45 -10.68 -2.62 6.25
C LEU A 45 -10.55 -2.93 7.73
N GLY A 46 -9.94 -4.07 8.02
CA GLY A 46 -9.77 -4.45 9.40
C GLY A 46 -8.69 -5.48 9.49
N SER A 47 -8.07 -5.59 10.67
CA SER A 47 -7.01 -6.56 10.87
C SER A 47 -7.51 -7.98 10.52
N ASP A 48 -8.80 -8.27 10.71
CA ASP A 48 -9.27 -9.63 10.35
C ASP A 48 -9.01 -10.08 8.89
N LEU A 49 -9.10 -9.15 7.95
CA LEU A 49 -8.81 -9.49 6.55
C LEU A 49 -7.55 -10.33 6.42
N ILE A 50 -6.50 -9.90 7.08
CA ILE A 50 -5.27 -10.62 6.98
C ILE A 50 -5.14 -11.73 8.01
N ARG A 51 -5.61 -11.49 9.23
CA ARG A 51 -5.54 -12.50 10.28
C ARG A 51 -6.25 -13.79 9.85
N GLU A 52 -7.39 -13.69 9.19
CA GLU A 52 -8.08 -14.92 8.82
C GLU A 52 -7.60 -15.59 7.54
N SER A 53 -6.61 -14.99 6.88
CA SER A 53 -6.00 -15.56 5.66
C SER A 53 -5.03 -16.62 6.10
N PHE A 54 -4.65 -16.61 7.39
CA PHE A 54 -3.75 -17.66 7.89
C PHE A 54 -4.69 -18.82 8.33
N PRO A 55 -4.31 -20.09 8.12
CA PRO A 55 -5.14 -21.25 8.50
C PRO A 55 -5.18 -21.48 10.02
N VAL A 56 -4.22 -20.90 10.72
CA VAL A 56 -4.14 -21.00 12.18
C VAL A 56 -3.66 -19.66 12.73
N TRP A 57 -3.88 -19.44 14.03
CA TRP A 57 -3.40 -18.21 14.62
C TRP A 57 -2.13 -18.50 15.41
N LYS A 58 -1.18 -17.57 15.35
CA LYS A 58 0.07 -17.66 16.10
C LYS A 58 0.43 -16.22 16.42
N GLU A 59 0.78 -15.98 17.67
CA GLU A 59 1.12 -14.64 18.09
C GLU A 59 2.20 -13.99 17.22
N LYS A 60 3.11 -14.77 16.66
CA LYS A 60 4.15 -14.17 15.83
C LYS A 60 3.66 -13.60 14.48
N TYR A 61 2.40 -13.84 14.08
CA TYR A 61 1.90 -13.31 12.81
C TYR A 61 1.36 -11.93 13.06
N GLU A 62 1.16 -11.60 14.32
CA GLU A 62 0.56 -10.31 14.62
C GLU A 62 1.28 -9.06 14.19
N GLU A 63 2.61 -9.07 14.20
CA GLU A 63 3.33 -7.86 13.79
C GLU A 63 2.99 -7.62 12.30
N PHE A 64 3.12 -8.68 11.51
CA PHE A 64 2.81 -8.63 10.08
C PHE A 64 1.38 -8.19 9.85
N ILE A 65 0.47 -8.82 10.58
CA ILE A 65 -0.94 -8.49 10.47
C ILE A 65 -1.11 -6.99 10.69
N LYS A 66 -0.54 -6.46 11.76
CA LYS A 66 -0.69 -5.02 12.03
C LYS A 66 -0.04 -4.09 10.98
N LYS A 67 1.16 -4.49 10.55
CA LYS A 67 1.94 -3.74 9.56
C LYS A 67 1.16 -3.72 8.25
N SER A 68 0.70 -4.91 7.85
CA SER A 68 -0.04 -5.07 6.61
C SER A 68 -1.35 -4.29 6.62
N THR A 69 -2.11 -4.43 7.69
CA THR A 69 -3.39 -3.74 7.76
C THR A 69 -3.25 -2.23 7.74
N TYR A 70 -2.26 -1.69 8.46
CA TYR A 70 -2.07 -0.24 8.44
C TYR A 70 -1.59 0.24 7.08
N ARG A 71 -0.73 -0.55 6.42
CA ARG A 71 -0.28 -0.10 5.12
C ARG A 71 -1.48 -0.03 4.17
N LEU A 72 -2.37 -1.00 4.23
CA LEU A 72 -3.55 -0.94 3.37
C LEU A 72 -4.40 0.30 3.63
N ILE A 73 -4.72 0.52 4.89
CA ILE A 73 -5.55 1.68 5.25
C ILE A 73 -4.88 2.97 4.74
N ASP A 74 -3.59 3.07 5.01
CA ASP A 74 -2.79 4.21 4.61
C ASP A 74 -2.87 4.47 3.14
N SER A 75 -2.55 3.46 2.35
CA SER A 75 -2.58 3.66 0.92
C SER A 75 -3.99 3.92 0.41
N ALA A 76 -4.98 3.30 1.01
CA ALA A 76 -6.38 3.48 0.58
C ALA A 76 -6.95 4.85 0.92
N LEU A 77 -6.49 5.42 2.03
CA LEU A 77 -7.01 6.73 2.45
C LEU A 77 -6.59 7.84 1.46
N LYS A 78 -5.54 7.60 0.68
CA LYS A 78 -5.15 8.61 -0.31
C LYS A 78 -6.28 8.77 -1.33
N ASN A 79 -7.09 7.72 -1.50
CA ASN A 79 -8.14 7.78 -2.52
C ASN A 79 -9.56 7.51 -2.10
N TYR A 80 -9.75 6.83 -0.98
CA TYR A 80 -11.12 6.51 -0.59
C TYR A 80 -11.40 6.72 0.87
N TRP A 81 -12.69 6.81 1.20
CA TRP A 81 -13.11 6.88 2.58
C TRP A 81 -12.77 5.45 3.07
N VAL A 82 -12.25 5.37 4.29
CA VAL A 82 -11.90 4.10 4.87
C VAL A 82 -12.69 3.89 6.15
N ILE A 83 -13.42 2.77 6.26
CA ILE A 83 -14.13 2.45 7.48
C ILE A 83 -13.27 1.33 8.07
N VAL A 84 -12.74 1.54 9.28
CA VAL A 84 -11.87 0.57 9.97
C VAL A 84 -12.70 -0.30 10.90
N ASP A 85 -12.89 -1.55 10.51
CA ASP A 85 -13.69 -2.50 11.28
C ASP A 85 -12.77 -3.35 12.14
N ASP A 86 -12.45 -2.82 13.31
CA ASP A 86 -11.56 -3.48 14.27
C ASP A 86 -12.04 -3.12 15.67
N THR A 87 -11.83 -4.04 16.59
CA THR A 87 -12.18 -3.85 17.99
C THR A 87 -11.66 -2.50 18.46
N ASN A 88 -10.39 -2.22 18.15
CA ASN A 88 -9.74 -0.96 18.55
C ASN A 88 -9.95 -0.71 20.04
N TYR A 89 -9.72 -1.78 20.79
CA TYR A 89 -9.87 -1.83 22.23
C TYR A 89 -9.15 -0.73 23.01
N TYR A 90 -7.95 -0.36 22.57
CA TYR A 90 -7.18 0.66 23.27
C TYR A 90 -7.02 1.97 22.52
N ASN A 91 -7.10 3.08 23.26
CA ASN A 91 -6.97 4.41 22.69
C ASN A 91 -5.69 4.60 21.86
N SER A 92 -4.58 4.00 22.28
CA SER A 92 -3.36 4.14 21.52
C SER A 92 -3.55 3.54 20.12
N MSE A 93 -4.50 2.64 19.98
CA MSE A 93 -4.76 2.03 18.66
C MSE A 93 -5.53 3.02 17.81
O MSE A 93 -5.29 3.17 16.62
CB MSE A 93 -5.58 0.74 18.77
CG MSE A 93 -4.81 -0.41 19.40
SE MSE A 93 -5.99 -1.85 19.87
CE MSE A 93 -4.64 -3.08 20.51
N ARG A 94 -6.48 3.67 18.45
CA ARG A 94 -7.29 4.67 17.79
C ARG A 94 -6.38 5.85 17.47
N ARG A 95 -5.37 6.09 18.34
CA ARG A 95 -4.45 7.18 18.11
C ARG A 95 -3.64 6.88 16.85
N ASP A 96 -3.11 5.66 16.76
CA ASP A 96 -2.35 5.31 15.57
C ASP A 96 -3.25 5.50 14.33
N LEU A 97 -4.52 5.11 14.40
CA LEU A 97 -5.36 5.28 13.22
C LEU A 97 -5.58 6.74 12.87
N ILE A 98 -5.61 7.60 13.90
CA ILE A 98 -5.77 9.03 13.67
C ILE A 98 -4.51 9.64 13.04
N ASN A 99 -3.34 9.16 13.46
CA ASN A 99 -2.12 9.68 12.88
C ASN A 99 -2.11 9.43 11.37
N ILE A 100 -2.74 8.35 10.91
CA ILE A 100 -2.77 8.11 9.47
C ILE A 100 -3.60 9.24 8.84
N ALA A 101 -4.75 9.54 9.42
CA ALA A 101 -5.59 10.61 8.88
C ALA A 101 -4.95 11.99 8.96
N LYS A 102 -4.07 12.18 9.93
CA LYS A 102 -3.39 13.46 10.11
C LYS A 102 -2.28 13.54 9.07
N LYS A 103 -1.69 12.39 8.77
CA LYS A 103 -0.62 12.31 7.79
C LYS A 103 -1.07 12.82 6.41
N TYR A 104 -2.36 12.63 6.11
CA TYR A 104 -2.94 13.05 4.84
C TYR A 104 -3.98 14.15 5.00
N ASN A 105 -4.00 14.75 6.18
CA ASN A 105 -4.94 15.82 6.50
C ASN A 105 -6.37 15.48 6.12
N LYS A 106 -6.84 14.33 6.57
CA LYS A 106 -8.21 13.89 6.30
C LYS A 106 -9.02 13.94 7.60
N ASN A 107 -10.32 14.22 7.51
CA ASN A 107 -11.19 14.22 8.70
C ASN A 107 -11.31 12.81 9.27
N TYR A 108 -11.79 12.68 10.50
CA TYR A 108 -11.94 11.37 11.09
C TYR A 108 -13.04 11.41 12.11
N ALA A 109 -13.71 10.26 12.29
CA ALA A 109 -14.77 10.13 13.25
C ALA A 109 -14.73 8.74 13.89
N ILE A 110 -14.70 8.71 15.21
CA ILE A 110 -14.68 7.47 15.95
C ILE A 110 -16.14 7.10 16.17
N ILE A 111 -16.55 5.92 15.74
CA ILE A 111 -17.93 5.51 15.95
C ILE A 111 -17.82 4.37 16.95
N TYR A 112 -18.51 4.55 18.06
CA TYR A 112 -18.48 3.61 19.15
C TYR A 112 -19.76 2.78 19.19
N LEU A 113 -19.63 1.47 19.00
CA LEU A 113 -20.77 0.56 19.01
C LEU A 113 -20.83 -0.21 20.32
N LYS A 114 -21.97 -0.18 20.98
CA LYS A 114 -22.04 -0.96 22.21
C LYS A 114 -23.31 -1.76 22.32
N ALA A 115 -23.25 -2.71 23.22
CA ALA A 115 -24.35 -3.62 23.55
C ALA A 115 -24.01 -4.21 24.90
N SER A 116 -25.04 -4.63 25.63
CA SER A 116 -24.85 -5.19 26.96
C SER A 116 -24.05 -6.49 26.94
N LEU A 117 -23.35 -6.75 28.04
CA LEU A 117 -22.57 -7.99 28.15
C LEU A 117 -23.51 -9.18 27.87
N ASP A 118 -24.77 -8.93 28.19
CA ASP A 118 -25.88 -9.86 28.00
C ASP A 118 -25.84 -10.41 26.56
N VAL A 119 -25.98 -9.49 25.62
CA VAL A 119 -26.00 -9.82 24.21
C VAL A 119 -24.67 -10.34 23.70
N LEU A 120 -23.57 -9.78 24.21
CA LEU A 120 -22.26 -10.20 23.78
C LEU A 120 -21.97 -11.66 24.06
N ILE A 121 -22.42 -12.14 25.22
CA ILE A 121 -22.18 -13.52 25.58
C ILE A 121 -23.05 -14.43 24.73
N ARG A 122 -24.31 -14.06 24.59
CA ARG A 122 -25.23 -14.83 23.79
C ARG A 122 -24.65 -14.96 22.39
N ARG A 123 -24.30 -13.83 21.78
CA ARG A 123 -23.75 -13.86 20.43
C ARG A 123 -22.45 -14.62 20.36
N ASN A 124 -21.64 -14.52 21.42
CA ASN A 124 -20.37 -15.23 21.46
C ASN A 124 -20.61 -16.74 21.50
N ILE A 125 -21.68 -17.15 22.19
CA ILE A 125 -22.02 -18.56 22.26
C ILE A 125 -22.46 -19.06 20.88
N GLU A 126 -23.34 -18.29 20.24
CA GLU A 126 -23.85 -18.61 18.92
C GLU A 126 -22.73 -18.68 17.88
N ARG A 127 -21.54 -18.25 18.27
CA ARG A 127 -20.41 -18.28 17.37
C ARG A 127 -19.49 -19.45 17.67
N GLY A 128 -19.90 -20.32 18.59
CA GLY A 128 -19.08 -21.46 18.94
C GLY A 128 -18.06 -21.18 20.01
N GLU A 129 -18.17 -20.02 20.63
CA GLU A 129 -17.26 -19.62 21.69
C GLU A 129 -15.79 -19.74 21.31
N LYS A 130 -15.45 -19.30 20.09
CA LYS A 130 -14.05 -19.37 19.67
C LYS A 130 -13.30 -18.54 20.70
N ILE A 131 -13.91 -17.44 21.11
CA ILE A 131 -13.34 -16.58 22.14
C ILE A 131 -14.02 -17.05 23.43
N PRO A 132 -13.24 -17.57 24.39
CA PRO A 132 -13.88 -18.03 25.62
C PRO A 132 -14.75 -16.94 26.26
N ASN A 133 -15.92 -17.33 26.77
CA ASN A 133 -16.82 -16.38 27.40
C ASN A 133 -16.13 -15.63 28.51
N GLU A 134 -15.15 -16.29 29.13
CA GLU A 134 -14.38 -15.70 30.22
C GLU A 134 -13.65 -14.47 29.72
N VAL A 135 -13.02 -14.61 28.56
CA VAL A 135 -12.30 -13.51 27.95
C VAL A 135 -13.29 -12.39 27.60
N ILE A 136 -14.42 -12.74 27.00
CA ILE A 136 -15.40 -11.71 26.66
C ILE A 136 -15.77 -10.91 27.90
N LYS A 137 -16.06 -11.60 29.00
CA LYS A 137 -16.44 -10.95 30.25
C LYS A 137 -15.38 -9.97 30.72
N LYS A 138 -14.14 -10.45 30.72
CA LYS A 138 -13.01 -9.65 31.14
C LYS A 138 -12.79 -8.44 30.24
N MSE A 139 -12.71 -8.67 28.93
CA MSE A 139 -12.52 -7.55 27.99
C MSE A 139 -13.59 -6.52 28.29
O MSE A 139 -13.28 -5.34 28.49
CB MSE A 139 -12.67 -8.01 26.53
CG MSE A 139 -11.54 -8.90 26.00
SE MSE A 139 -11.89 -9.53 24.17
CE MSE A 139 -11.42 -7.92 23.17
N TYR A 140 -14.84 -6.96 28.36
CA TYR A 140 -15.97 -6.07 28.62
C TYR A 140 -15.78 -5.30 29.91
N GLU A 141 -15.25 -6.01 30.89
CA GLU A 141 -15.02 -5.44 32.21
C GLU A 141 -13.92 -4.36 32.23
N LYS A 142 -12.79 -4.64 31.60
CA LYS A 142 -11.67 -3.72 31.59
C LYS A 142 -11.76 -2.61 30.54
N PHE A 143 -12.67 -2.76 29.57
CA PHE A 143 -12.80 -1.77 28.51
C PHE A 143 -13.07 -0.36 28.97
N ASP A 144 -12.27 0.57 28.45
CA ASP A 144 -12.48 1.99 28.78
C ASP A 144 -13.18 2.65 27.61
N GLU A 145 -14.36 3.20 27.87
CA GLU A 145 -15.11 3.87 26.83
C GLU A 145 -14.20 4.94 26.25
N PRO A 146 -14.29 5.16 24.94
CA PRO A 146 -13.43 6.18 24.32
C PRO A 146 -13.83 7.57 24.75
N GLY A 147 -12.86 8.47 24.79
CA GLY A 147 -13.13 9.84 25.17
C GLY A 147 -13.08 10.12 26.67
N LYS A 148 -12.85 9.11 27.48
CA LYS A 148 -12.82 9.34 28.92
C LYS A 148 -11.52 9.97 29.39
N LYS A 149 -10.48 9.93 28.56
CA LYS A 149 -9.19 10.52 28.94
C LYS A 149 -8.72 11.57 27.96
N TYR A 150 -8.98 11.37 26.66
CA TYR A 150 -8.55 12.33 25.67
C TYR A 150 -9.67 12.95 24.85
N LYS A 151 -9.56 14.24 24.58
CA LYS A 151 -10.61 14.89 23.80
C LYS A 151 -10.64 14.41 22.35
N TRP A 152 -9.47 14.10 21.79
CA TRP A 152 -9.41 13.65 20.41
C TRP A 152 -9.97 12.25 20.26
N ASP A 153 -10.26 11.62 21.40
CA ASP A 153 -10.78 10.27 21.41
C ASP A 153 -12.27 10.23 21.63
N GLU A 154 -12.91 11.39 21.65
CA GLU A 154 -14.35 11.44 21.86
C GLU A 154 -15.14 10.98 20.62
N PRO A 155 -15.99 9.98 20.81
CA PRO A 155 -16.77 9.47 19.69
C PRO A 155 -17.69 10.47 19.02
N PHE A 156 -17.70 10.43 17.70
CA PHE A 156 -18.56 11.28 16.88
C PHE A 156 -19.99 10.76 17.05
N LEU A 157 -20.12 9.45 17.21
CA LEU A 157 -21.43 8.82 17.41
C LEU A 157 -21.31 7.64 18.37
N ILE A 158 -22.37 7.38 19.11
CA ILE A 158 -22.41 6.24 20.00
C ILE A 158 -23.68 5.53 19.58
N ILE A 159 -23.50 4.30 19.12
CA ILE A 159 -24.60 3.51 18.61
C ILE A 159 -24.91 2.27 19.43
N ASP A 160 -26.16 2.15 19.82
CA ASP A 160 -26.65 1.00 20.58
C ASP A 160 -27.07 -0.02 19.53
N THR A 161 -26.25 -1.03 19.29
CA THR A 161 -26.59 -2.03 18.28
C THR A 161 -27.63 -3.03 18.70
N THR A 162 -28.46 -2.72 19.70
CA THR A 162 -29.52 -3.64 20.08
C THR A 162 -30.79 -2.93 19.70
N LYS A 163 -30.66 -1.66 19.36
CA LYS A 163 -31.79 -0.84 18.93
C LYS A 163 -31.72 -0.70 17.41
N ASP A 164 -32.77 -0.14 16.83
CA ASP A 164 -32.81 0.05 15.39
C ASP A 164 -31.78 1.14 15.07
N ILE A 165 -31.12 1.01 13.93
CA ILE A 165 -30.11 1.99 13.52
C ILE A 165 -30.57 2.64 12.21
N ASP A 166 -30.50 3.96 12.12
CA ASP A 166 -30.89 4.68 10.92
C ASP A 166 -29.65 5.10 10.13
N PHE A 167 -29.24 4.22 9.21
CA PHE A 167 -28.08 4.45 8.39
C PHE A 167 -28.10 5.70 7.52
N ASN A 168 -29.30 6.18 7.18
CA ASN A 168 -29.40 7.40 6.37
C ASN A 168 -29.03 8.61 7.19
N GLU A 169 -29.40 8.59 8.46
CA GLU A 169 -29.08 9.70 9.33
C GLU A 169 -27.58 9.71 9.48
N ILE A 170 -27.04 8.58 9.92
CA ILE A 170 -25.61 8.47 10.12
C ILE A 170 -24.85 8.90 8.88
N ALA A 171 -25.17 8.29 7.75
CA ALA A 171 -24.52 8.63 6.49
C ALA A 171 -24.57 10.15 6.32
N LYS A 172 -25.74 10.72 6.56
CA LYS A 172 -25.94 12.15 6.44
C LYS A 172 -24.98 12.90 7.36
N LYS A 173 -24.95 12.53 8.63
CA LYS A 173 -24.06 13.21 9.58
C LYS A 173 -22.62 13.09 9.16
N LEU A 174 -22.27 11.91 8.66
CA LEU A 174 -20.90 11.69 8.21
C LEU A 174 -20.53 12.60 7.04
N ILE A 175 -21.42 12.69 6.05
CA ILE A 175 -21.14 13.54 4.89
C ILE A 175 -20.90 14.98 5.31
N GLU A 176 -21.76 15.49 6.19
CA GLU A 176 -21.61 16.86 6.68
C GLU A 176 -20.17 17.05 7.20
N LYS A 177 -19.79 16.21 8.16
CA LYS A 177 -18.47 16.30 8.78
C LYS A 177 -17.28 16.22 7.84
N SER A 178 -17.44 15.50 6.74
CA SER A 178 -16.36 15.35 5.78
C SER A 178 -16.08 16.70 5.14
N LYS A 179 -17.09 17.57 5.18
CA LYS A 179 -17.02 18.89 4.57
C LYS A 179 -16.47 19.97 5.50
N GLU A 180 -15.71 19.56 6.52
CA GLU A 180 -15.13 20.48 7.47
C GLU A 180 -13.60 20.56 7.34
N ILE A 181 -13.00 21.60 7.89
CA ILE A 181 -11.54 21.75 7.83
C ILE A 181 -10.89 21.19 9.09
N PRO A 182 -10.13 20.09 8.95
CA PRO A 182 -9.47 19.47 10.10
C PRO A 182 -8.50 20.37 10.87
N LYS A 183 -8.56 20.27 12.20
CA LYS A 183 -7.70 21.06 13.08
C LYS A 183 -6.33 20.41 13.23
N PHE A 184 -5.87 19.75 12.17
CA PHE A 184 -4.57 19.09 12.20
C PHE A 184 -3.42 20.05 11.95
N TYR A 185 -3.31 20.53 10.71
CA TYR A 185 -2.23 21.42 10.31
C TYR A 185 -2.59 22.90 10.11
N VAL A 186 -3.54 23.38 10.91
CA VAL A 186 -3.93 24.78 10.85
C VAL A 186 -2.98 25.47 11.83
N LEU A 187 -2.10 24.64 12.42
CA LEU A 187 -1.10 25.06 13.40
C LEU A 187 0.23 25.49 12.78
N GLU A 188 0.34 25.42 11.45
CA GLU A 188 1.58 25.79 10.78
C GLU A 188 1.44 26.99 9.85
N GLU A 189 0.23 27.52 9.77
CA GLU A 189 -0.05 28.68 8.92
C GLU A 189 0.62 29.96 9.44
N ASN A 190 1.95 30.01 9.29
CA ASN A 190 2.76 31.15 9.74
C ASN A 190 2.80 32.24 8.68
N LYS A 191 1.67 32.90 8.48
CA LYS A 191 1.57 33.97 7.51
C LYS A 191 0.63 35.06 8.00
N ASN A 192 0.18 35.91 7.08
CA ASN A 192 -0.70 37.04 7.41
C ASN A 192 0.08 38.03 8.26
N LYS A 193 1.41 37.87 8.29
CA LYS A 193 2.28 38.75 9.06
C LYS A 193 2.43 40.11 8.37
N ASN A 194 2.88 41.12 9.12
CA ASN A 194 3.09 42.47 8.58
C ASN A 194 4.54 42.54 8.14
N ASN A 195 4.87 43.52 7.31
CA ASN A 195 6.25 43.63 6.84
C ASN A 195 7.16 43.96 8.02
N ASN A 196 8.46 43.75 7.84
CA ASN A 196 9.42 44.00 8.90
C ASN A 196 9.32 45.41 9.48
N ILE A 197 9.02 46.39 8.64
CA ILE A 197 8.92 47.75 9.12
C ILE A 197 7.76 47.93 10.08
N SER A 198 6.64 47.29 9.78
CA SER A 198 5.46 47.39 10.63
C SER A 198 5.68 46.73 11.98
N ASP A 199 6.24 45.53 11.96
CA ASP A 199 6.48 44.79 13.17
C ASP A 199 7.53 45.47 14.02
N LYS A 200 8.42 46.19 13.35
CA LYS A 200 9.47 46.91 14.03
C LYS A 200 8.84 48.11 14.74
N ILE A 201 7.78 48.68 14.16
CA ILE A 201 7.12 49.81 14.80
C ILE A 201 6.27 49.34 15.95
N ASP A 202 5.62 48.20 15.81
CA ASP A 202 4.84 47.64 16.91
C ASP A 202 5.80 47.39 18.08
N LYS A 203 6.86 46.62 17.82
CA LYS A 203 7.83 46.27 18.86
C LYS A 203 8.46 47.46 19.57
N GLU A 204 8.91 48.46 18.80
CA GLU A 204 9.54 49.65 19.36
C GLU A 204 8.59 50.57 20.09
N THR A 205 7.39 50.76 19.57
CA THR A 205 6.46 51.62 20.29
C THR A 205 6.09 50.98 21.63
N ARG A 206 6.17 49.65 21.70
CA ARG A 206 5.85 48.93 22.91
C ARG A 206 6.94 49.18 23.96
N LYS A 207 8.20 49.19 23.54
CA LYS A 207 9.28 49.45 24.49
C LYS A 207 9.28 50.91 24.92
N ILE A 208 8.97 51.82 24.00
CA ILE A 208 8.94 53.23 24.37
C ILE A 208 7.88 53.48 25.43
N VAL A 209 6.71 52.89 25.25
CA VAL A 209 5.61 53.01 26.21
C VAL A 209 6.12 52.52 27.58
N SER A 210 6.87 51.42 27.59
CA SER A 210 7.38 50.89 28.83
C SER A 210 8.41 51.84 29.48
N GLU A 211 9.25 52.47 28.65
CA GLU A 211 10.27 53.39 29.15
C GLU A 211 9.59 54.60 29.81
N TYR A 212 8.54 55.10 29.14
CA TYR A 212 7.74 56.23 29.59
C TYR A 212 7.02 55.95 30.90
N ILE A 213 6.44 54.77 31.01
CA ILE A 213 5.72 54.39 32.22
C ILE A 213 6.66 54.44 33.41
N LYS A 214 7.90 54.03 33.19
CA LYS A 214 8.89 54.02 34.27
C LYS A 214 9.28 55.43 34.70
N SER A 215 9.72 56.24 33.74
CA SER A 215 10.17 57.60 34.01
C SER A 215 9.18 58.54 34.67
N LYS A 216 7.90 58.17 34.72
CA LYS A 216 6.92 59.04 35.34
C LYS A 216 6.08 58.34 36.39
N LYS A 217 6.55 57.16 36.80
CA LYS A 217 5.89 56.33 37.80
C LYS A 217 4.36 56.47 37.75
N LEU A 218 3.78 56.15 36.59
CA LEU A 218 2.36 56.25 36.42
C LEU A 218 1.57 55.26 37.25
N ASP A 219 0.29 55.56 37.46
CA ASP A 219 -0.58 54.65 38.20
C ASP A 219 -1.37 53.85 37.16
N LYS A 220 -2.06 52.79 37.59
CA LYS A 220 -2.83 51.95 36.68
C LYS A 220 -3.75 52.70 35.72
N ASP A 221 -4.30 53.82 36.17
CA ASP A 221 -5.20 54.64 35.35
C ASP A 221 -4.50 55.34 34.18
N LYS A 222 -3.47 56.12 34.51
CA LYS A 222 -2.71 56.89 33.53
C LYS A 222 -2.01 56.01 32.51
N ILE A 223 -1.75 54.76 32.89
CA ILE A 223 -1.07 53.85 31.99
C ILE A 223 -2.01 53.42 30.88
N LYS A 224 -3.25 53.16 31.23
CA LYS A 224 -4.21 52.72 30.24
C LYS A 224 -4.39 53.75 29.12
N GLU A 225 -4.22 55.02 29.42
CA GLU A 225 -4.36 56.06 28.41
C GLU A 225 -3.17 55.97 27.44
N VAL A 226 -1.99 55.69 27.97
CA VAL A 226 -0.80 55.57 27.15
C VAL A 226 -0.97 54.40 26.20
N VAL A 227 -1.51 53.30 26.71
CA VAL A 227 -1.73 52.10 25.93
C VAL A 227 -2.69 52.42 24.77
N GLU A 228 -3.81 53.07 25.12
CA GLU A 228 -4.80 53.44 24.13
C GLU A 228 -4.17 54.48 23.21
N LEU A 229 -3.28 55.31 23.76
CA LEU A 229 -2.63 56.29 22.94
C LEU A 229 -1.76 55.55 21.91
N ARG A 230 -1.20 54.38 22.27
CA ARG A 230 -0.37 53.66 21.30
C ARG A 230 -1.22 52.98 20.25
N LYS A 231 -2.35 52.41 20.70
CA LYS A 231 -3.29 51.73 19.82
C LYS A 231 -3.79 52.67 18.72
N GLU A 232 -4.17 53.88 19.13
CA GLU A 232 -4.68 54.86 18.19
C GLU A 232 -3.58 55.36 17.26
N PHE A 233 -2.36 55.41 17.77
CA PHE A 233 -1.23 55.85 16.96
C PHE A 233 -0.85 54.81 15.91
N LEU A 234 -0.77 53.53 16.28
CA LEU A 234 -0.40 52.50 15.31
C LEU A 234 -1.47 52.34 14.25
N LYS A 235 -2.73 52.42 14.68
CA LYS A 235 -3.87 52.30 13.80
C LYS A 235 -3.77 53.32 12.67
N LYS A 236 -3.51 54.57 13.04
CA LYS A 236 -3.41 55.64 12.07
C LYS A 236 -2.25 55.46 11.09
N ILE A 237 -1.14 54.94 11.60
CA ILE A 237 0.04 54.73 10.79
C ILE A 237 -0.04 53.62 9.75
N LYS A 238 -0.76 52.54 10.06
CA LYS A 238 -0.88 51.47 9.08
C LYS A 238 -1.86 51.87 7.96
N LYS A 239 -2.24 53.15 7.95
CA LYS A 239 -3.13 53.69 6.93
C LYS A 239 -2.30 54.43 5.87
N MSE A 240 -1.10 54.81 6.25
CA MSE A 240 -0.21 55.52 5.33
C MSE A 240 0.60 54.48 4.56
O MSE A 240 0.94 53.42 5.10
CB MSE A 240 0.74 56.45 6.10
CG MSE A 240 0.05 57.43 7.06
SE MSE A 240 1.24 58.78 7.87
CE MSE A 240 2.45 57.59 8.82
N GLU A 241 0.91 54.77 3.30
CA GLU A 241 1.67 53.84 2.46
C GLU A 241 3.17 53.90 2.69
N GLU A 242 3.73 55.10 2.59
CA GLU A 242 5.17 55.27 2.78
C GLU A 242 5.47 55.47 4.26
N VAL A 243 6.21 54.53 4.82
CA VAL A 243 6.55 54.59 6.24
C VAL A 243 8.02 54.34 6.53
N ASP A 244 8.63 55.30 7.21
CA ASP A 244 10.04 55.22 7.58
C ASP A 244 10.13 54.98 9.08
N ALA A 245 10.64 53.82 9.47
CA ALA A 245 10.74 53.46 10.89
C ALA A 245 11.26 54.56 11.80
N ASP A 246 12.46 55.09 11.52
CA ASP A 246 13.03 56.11 12.40
C ASP A 246 12.15 57.36 12.54
N ARG A 247 11.52 57.81 11.46
CA ARG A 247 10.65 58.99 11.49
C ARG A 247 9.40 58.79 12.32
N VAL A 248 8.75 57.64 12.10
CA VAL A 248 7.53 57.29 12.82
C VAL A 248 7.80 57.19 14.32
N LEU A 249 8.90 56.56 14.70
CA LEU A 249 9.20 56.42 16.12
C LEU A 249 9.44 57.78 16.76
N LYS A 250 9.95 58.74 16.01
CA LYS A 250 10.15 60.04 16.63
C LYS A 250 8.78 60.70 16.80
N GLU A 251 7.89 60.51 15.85
CA GLU A 251 6.57 61.11 15.98
C GLU A 251 5.88 60.52 17.20
N PHE A 252 6.12 59.25 17.49
CA PHE A 252 5.51 58.61 18.63
C PHE A 252 6.08 59.10 19.95
N LYS A 253 7.39 59.31 20.01
CA LYS A 253 8.02 59.79 21.23
C LYS A 253 7.46 61.15 21.61
N ASP A 254 7.28 62.00 20.60
CA ASP A 254 6.76 63.34 20.80
C ASP A 254 5.28 63.30 21.20
N LEU A 255 4.53 62.34 20.66
CA LEU A 255 3.11 62.22 20.99
C LEU A 255 2.97 61.93 22.47
N LEU A 256 3.93 61.20 23.01
CA LEU A 256 3.93 60.85 24.41
C LEU A 256 4.42 62.01 25.26
N ASN A 257 5.37 62.77 24.71
CA ASN A 257 5.94 63.88 25.45
C ASN A 257 4.93 65.01 25.70
N SER A 258 4.00 65.22 24.77
CA SER A 258 3.02 66.28 24.95
C SER A 258 1.67 65.70 25.35
N TYR A 259 1.74 64.67 26.21
CA TYR A 259 0.56 64.00 26.73
C TYR A 259 0.32 64.54 28.13
N HIS B 10 12.87 -24.62 3.10
CA HIS B 10 12.74 -23.20 2.68
C HIS B 10 11.27 -22.98 2.32
N HIS B 11 10.87 -21.77 1.94
CA HIS B 11 9.46 -21.55 1.61
C HIS B 11 9.16 -21.12 0.18
N MSE B 12 7.90 -21.30 -0.23
CA MSE B 12 7.53 -21.01 -1.62
C MSE B 12 6.22 -20.29 -1.94
O MSE B 12 5.37 -20.07 -1.07
CB MSE B 12 7.59 -22.33 -2.43
CG MSE B 12 6.64 -23.42 -1.95
SE MSE B 12 6.86 -25.20 -2.79
CE MSE B 12 6.88 -24.77 -4.70
N LEU B 13 6.08 -19.96 -3.21
CA LEU B 13 4.91 -19.27 -3.75
C LEU B 13 4.11 -20.27 -4.56
N ILE B 14 2.90 -20.51 -4.12
CA ILE B 14 2.01 -21.45 -4.77
C ILE B 14 0.99 -20.65 -5.54
N ILE B 15 0.95 -20.85 -6.86
CA ILE B 15 0.04 -20.11 -7.73
C ILE B 15 -1.13 -20.94 -8.28
N LEU B 16 -2.34 -20.66 -7.80
CA LEU B 16 -3.48 -21.40 -8.32
C LEU B 16 -3.98 -20.69 -9.56
N THR B 17 -4.66 -21.44 -10.41
CA THR B 17 -5.26 -20.92 -11.63
C THR B 17 -6.43 -21.86 -11.97
N GLY B 18 -7.51 -21.26 -12.45
CA GLY B 18 -8.72 -21.99 -12.82
C GLY B 18 -9.88 -21.00 -12.82
N LEU B 19 -10.98 -21.35 -13.48
CA LEU B 19 -12.11 -20.43 -13.59
C LEU B 19 -12.95 -20.17 -12.34
N PRO B 20 -13.71 -19.06 -12.34
CA PRO B 20 -14.54 -18.80 -11.16
C PRO B 20 -15.47 -19.99 -10.88
N GLY B 21 -15.61 -20.34 -9.61
CA GLY B 21 -16.45 -21.45 -9.22
C GLY B 21 -15.79 -22.82 -9.26
N VAL B 22 -14.61 -22.94 -9.86
CA VAL B 22 -13.92 -24.23 -9.94
C VAL B 22 -13.46 -24.73 -8.54
N GLY B 23 -13.43 -23.85 -7.54
CA GLY B 23 -13.04 -24.31 -6.22
C GLY B 23 -11.69 -23.85 -5.71
N LYS B 24 -11.19 -22.74 -6.25
CA LYS B 24 -9.92 -22.21 -5.82
C LYS B 24 -9.91 -21.87 -4.33
N SER B 25 -10.88 -21.07 -3.86
CA SER B 25 -10.89 -20.66 -2.47
C SER B 25 -10.97 -21.82 -1.46
N THR B 26 -11.82 -22.80 -1.75
CA THR B 26 -11.98 -23.98 -0.92
C THR B 26 -10.69 -24.82 -0.93
N PHE B 27 -10.10 -24.95 -2.11
CA PHE B 27 -8.87 -25.75 -2.24
C PHE B 27 -7.74 -25.06 -1.46
N SER B 28 -7.73 -23.74 -1.50
CA SER B 28 -6.73 -22.97 -0.77
C SER B 28 -6.77 -23.23 0.72
N LYS B 29 -7.94 -23.04 1.33
CA LYS B 29 -8.06 -23.24 2.76
C LYS B 29 -7.63 -24.63 3.18
N ASN B 30 -8.04 -25.63 2.41
CA ASN B 30 -7.68 -26.99 2.76
C ASN B 30 -6.18 -27.23 2.61
N LEU B 31 -5.60 -26.67 1.57
CA LEU B 31 -4.17 -26.86 1.36
C LEU B 31 -3.40 -26.21 2.50
N ALA B 32 -3.78 -24.99 2.86
CA ALA B 32 -3.13 -24.26 3.94
C ALA B 32 -3.25 -25.02 5.26
N LYS B 33 -4.43 -25.60 5.53
CA LYS B 33 -4.62 -26.33 6.77
C LYS B 33 -3.69 -27.53 6.90
N ILE B 34 -3.55 -28.33 5.84
CA ILE B 34 -2.67 -29.49 5.88
C ILE B 34 -1.22 -29.02 6.04
N LEU B 35 -0.85 -27.98 5.30
CA LEU B 35 0.50 -27.43 5.38
C LEU B 35 0.79 -27.04 6.83
N SER B 36 -0.16 -26.37 7.47
CA SER B 36 -0.02 -25.95 8.86
C SER B 36 0.27 -27.14 9.79
N LYS B 37 -0.29 -28.29 9.49
CA LYS B 37 -0.07 -29.49 10.31
C LYS B 37 1.33 -30.00 10.07
N ASN B 38 1.86 -29.76 8.87
CA ASN B 38 3.22 -30.20 8.55
C ASN B 38 4.22 -29.16 8.98
N ASN B 39 3.81 -28.32 9.93
CA ASN B 39 4.64 -27.29 10.50
C ASN B 39 5.11 -26.18 9.57
N ILE B 40 4.20 -25.64 8.76
CA ILE B 40 4.59 -24.57 7.87
C ILE B 40 3.77 -23.30 8.06
N ASP B 41 4.43 -22.15 8.01
CA ASP B 41 3.72 -20.89 8.14
C ASP B 41 3.31 -20.53 6.70
N VAL B 42 2.01 -20.46 6.48
CA VAL B 42 1.50 -20.18 5.15
C VAL B 42 0.30 -19.22 5.19
N ILE B 43 0.26 -18.26 4.25
CA ILE B 43 -0.88 -17.36 4.20
C ILE B 43 -1.56 -17.44 2.82
N VAL B 44 -2.90 -17.29 2.79
CA VAL B 44 -3.68 -17.37 1.54
C VAL B 44 -4.06 -15.97 1.09
N LEU B 45 -3.66 -15.58 -0.11
CA LEU B 45 -3.98 -14.23 -0.63
C LEU B 45 -4.58 -14.28 -2.04
N GLY B 46 -5.43 -13.30 -2.32
CA GLY B 46 -6.11 -13.24 -3.60
C GLY B 46 -6.68 -11.85 -3.73
N SER B 47 -6.83 -11.39 -4.97
CA SER B 47 -7.35 -10.07 -5.21
C SER B 47 -8.72 -9.92 -4.58
N ASP B 48 -9.45 -11.04 -4.46
CA ASP B 48 -10.77 -10.97 -3.86
C ASP B 48 -10.86 -10.35 -2.43
N LEU B 49 -9.83 -10.51 -1.60
CA LEU B 49 -9.85 -9.95 -0.24
C LEU B 49 -10.12 -8.46 -0.26
N ILE B 50 -9.40 -7.77 -1.10
CA ILE B 50 -9.56 -6.34 -1.18
C ILE B 50 -10.72 -5.94 -2.08
N ARG B 51 -10.92 -6.68 -3.16
CA ARG B 51 -12.03 -6.38 -4.05
C ARG B 51 -13.36 -6.41 -3.32
N GLU B 52 -13.55 -7.37 -2.42
CA GLU B 52 -14.83 -7.45 -1.73
C GLU B 52 -14.95 -6.56 -0.51
N SER B 53 -13.91 -5.76 -0.27
CA SER B 53 -13.92 -4.83 0.82
C SER B 53 -14.72 -3.60 0.43
N PHE B 54 -14.89 -3.39 -0.88
CA PHE B 54 -15.68 -2.28 -1.39
C PHE B 54 -17.12 -2.79 -1.42
N PRO B 55 -18.09 -1.93 -1.10
CA PRO B 55 -19.52 -2.31 -1.09
C PRO B 55 -20.14 -2.53 -2.49
N VAL B 56 -19.47 -2.05 -3.53
CA VAL B 56 -19.98 -2.26 -4.87
C VAL B 56 -18.78 -2.37 -5.76
N TRP B 57 -19.00 -2.82 -6.97
CA TRP B 57 -17.91 -2.96 -7.89
C TRP B 57 -17.85 -1.77 -8.85
N LYS B 58 -16.63 -1.35 -9.16
CA LYS B 58 -16.40 -0.25 -10.08
C LYS B 58 -15.05 -0.47 -10.72
N GLU B 59 -15.03 -0.41 -12.04
CA GLU B 59 -13.83 -0.59 -12.82
C GLU B 59 -12.68 0.21 -12.25
N LYS B 60 -12.99 1.39 -11.74
CA LYS B 60 -11.91 2.24 -11.25
C LYS B 60 -11.19 1.78 -9.97
N TYR B 61 -11.75 0.79 -9.26
CA TYR B 61 -11.10 0.29 -8.05
C TYR B 61 -10.07 -0.79 -8.42
N GLU B 62 -10.20 -1.38 -9.61
CA GLU B 62 -9.30 -2.48 -9.99
C GLU B 62 -7.82 -2.20 -9.88
N GLU B 63 -7.43 -0.97 -10.20
CA GLU B 63 -6.02 -0.61 -10.16
C GLU B 63 -5.49 -0.77 -8.74
N PHE B 64 -6.22 -0.20 -7.80
CA PHE B 64 -5.85 -0.26 -6.42
C PHE B 64 -5.91 -1.70 -5.93
N ILE B 65 -6.98 -2.39 -6.30
CA ILE B 65 -7.14 -3.78 -5.92
C ILE B 65 -5.92 -4.58 -6.37
N LYS B 66 -5.56 -4.44 -7.64
CA LYS B 66 -4.43 -5.20 -8.16
C LYS B 66 -3.10 -4.81 -7.52
N LYS B 67 -2.87 -3.51 -7.34
CA LYS B 67 -1.62 -3.09 -6.75
C LYS B 67 -1.49 -3.56 -5.29
N SER B 68 -2.57 -3.41 -4.52
CA SER B 68 -2.57 -3.81 -3.12
C SER B 68 -2.42 -5.31 -2.91
N THR B 69 -3.03 -6.10 -3.78
CA THR B 69 -2.90 -7.55 -3.65
C THR B 69 -1.47 -7.94 -3.90
N TYR B 70 -0.86 -7.34 -4.91
CA TYR B 70 0.52 -7.65 -5.20
C TYR B 70 1.47 -7.23 -4.08
N ARG B 71 1.19 -6.12 -3.41
CA ARG B 71 2.05 -5.67 -2.30
C ARG B 71 1.93 -6.68 -1.15
N LEU B 72 0.73 -7.17 -0.87
CA LEU B 72 0.53 -8.13 0.23
C LEU B 72 1.25 -9.43 -0.08
N ILE B 73 1.09 -9.91 -1.30
CA ILE B 73 1.73 -11.14 -1.70
C ILE B 73 3.22 -10.94 -1.53
N ASP B 74 3.70 -9.85 -2.11
CA ASP B 74 5.12 -9.56 -2.08
C ASP B 74 5.69 -9.45 -0.68
N SER B 75 5.00 -8.72 0.19
CA SER B 75 5.53 -8.57 1.54
C SER B 75 5.42 -9.88 2.31
N ALA B 76 4.39 -10.67 2.00
CA ALA B 76 4.21 -11.94 2.70
C ALA B 76 5.22 -12.99 2.28
N LEU B 77 5.66 -12.98 1.02
CA LEU B 77 6.58 -14.05 0.62
C LEU B 77 7.97 -13.90 1.28
N LYS B 78 8.21 -12.76 1.96
CA LYS B 78 9.47 -12.55 2.66
C LYS B 78 9.57 -13.55 3.80
N ASN B 79 8.46 -13.76 4.50
CA ASN B 79 8.44 -14.67 5.65
C ASN B 79 7.56 -15.91 5.57
N TYR B 80 6.58 -15.94 4.67
CA TYR B 80 5.71 -17.11 4.62
C TYR B 80 5.44 -17.72 3.26
N TRP B 81 4.98 -18.96 3.29
CA TRP B 81 4.57 -19.59 2.06
C TRP B 81 3.31 -18.80 1.74
N VAL B 82 3.08 -18.56 0.46
CA VAL B 82 1.88 -17.85 0.05
C VAL B 82 1.13 -18.67 -1.00
N ILE B 83 -0.16 -18.86 -0.78
CA ILE B 83 -0.99 -19.55 -1.77
C ILE B 83 -1.78 -18.42 -2.41
N VAL B 84 -1.55 -18.18 -3.69
CA VAL B 84 -2.28 -17.11 -4.39
C VAL B 84 -3.56 -17.70 -4.97
N ASP B 85 -4.68 -17.36 -4.35
CA ASP B 85 -6.00 -17.81 -4.73
C ASP B 85 -6.68 -16.83 -5.68
N ASP B 86 -6.31 -16.91 -6.96
CA ASP B 86 -6.86 -16.03 -7.98
C ASP B 86 -7.10 -16.82 -9.27
N THR B 87 -8.04 -16.35 -10.08
CA THR B 87 -8.38 -16.98 -11.32
C THR B 87 -7.14 -17.16 -12.22
N ASN B 88 -6.29 -16.14 -12.27
CA ASN B 88 -5.08 -16.13 -13.08
C ASN B 88 -5.27 -16.68 -14.49
N TYR B 89 -6.35 -16.25 -15.15
CA TYR B 89 -6.66 -16.76 -16.49
C TYR B 89 -5.63 -16.42 -17.60
N TYR B 90 -4.83 -15.36 -17.44
CA TYR B 90 -3.81 -15.01 -18.45
C TYR B 90 -2.39 -15.45 -18.04
N ASN B 91 -1.64 -15.96 -19.01
CA ASN B 91 -0.29 -16.43 -18.73
C ASN B 91 0.58 -15.28 -18.23
N SER B 92 0.33 -14.06 -18.73
CA SER B 92 1.09 -12.91 -18.31
C SER B 92 0.78 -12.59 -16.83
N MSE B 93 -0.35 -13.07 -16.33
CA MSE B 93 -0.67 -12.80 -14.94
C MSE B 93 0.13 -13.74 -14.06
O MSE B 93 0.56 -13.38 -12.97
CB MSE B 93 -2.16 -12.99 -14.65
CG MSE B 93 -3.09 -12.04 -15.41
SE MSE B 93 -4.95 -12.39 -15.00
CE MSE B 93 -5.77 -10.79 -15.73
N ARG B 94 0.33 -14.96 -14.56
CA ARG B 94 1.08 -15.95 -13.83
C ARG B 94 2.54 -15.54 -13.91
N ARG B 95 2.92 -14.94 -15.03
CA ARG B 95 4.29 -14.47 -15.15
C ARG B 95 4.52 -13.44 -14.05
N ASP B 96 3.58 -12.50 -13.91
CA ASP B 96 3.72 -11.47 -12.91
C ASP B 96 3.90 -12.05 -11.50
N LEU B 97 3.16 -13.11 -11.17
CA LEU B 97 3.31 -13.69 -9.84
C LEU B 97 4.68 -14.37 -9.69
N ILE B 98 5.10 -15.05 -10.75
CA ILE B 98 6.38 -15.73 -10.73
C ILE B 98 7.52 -14.72 -10.55
N ASN B 99 7.37 -13.50 -11.07
CA ASN B 99 8.42 -12.49 -10.92
C ASN B 99 8.63 -12.19 -9.44
N ILE B 100 7.59 -12.34 -8.62
CA ILE B 100 7.75 -12.07 -7.20
C ILE B 100 8.61 -13.16 -6.59
N ALA B 101 8.38 -14.39 -6.99
CA ALA B 101 9.16 -15.49 -6.46
C ALA B 101 10.62 -15.34 -6.88
N LYS B 102 10.83 -15.03 -8.15
CA LYS B 102 12.17 -14.84 -8.69
C LYS B 102 12.91 -13.75 -7.93
N LYS B 103 12.23 -12.63 -7.68
CA LYS B 103 12.79 -11.51 -6.95
C LYS B 103 13.35 -11.94 -5.60
N TYR B 104 12.67 -12.86 -4.91
CA TYR B 104 13.11 -13.33 -3.60
C TYR B 104 13.79 -14.67 -3.69
N ASN B 105 14.10 -15.11 -4.90
CA ASN B 105 14.77 -16.38 -5.09
C ASN B 105 14.05 -17.56 -4.39
N LYS B 106 12.73 -17.57 -4.47
CA LYS B 106 11.96 -18.65 -3.85
C LYS B 106 11.45 -19.61 -4.94
N ASN B 107 11.11 -20.83 -4.55
CA ASN B 107 10.55 -21.74 -5.54
C ASN B 107 9.08 -21.36 -5.76
N TYR B 108 8.50 -21.86 -6.82
CA TYR B 108 7.09 -21.58 -7.09
C TYR B 108 6.48 -22.78 -7.79
N ALA B 109 5.17 -22.93 -7.65
CA ALA B 109 4.46 -24.03 -8.30
C ALA B 109 3.11 -23.50 -8.74
N ILE B 110 2.75 -23.81 -9.99
CA ILE B 110 1.47 -23.41 -10.52
C ILE B 110 0.61 -24.65 -10.39
N ILE B 111 -0.55 -24.50 -9.75
CA ILE B 111 -1.48 -25.61 -9.55
C ILE B 111 -2.74 -25.21 -10.30
N TYR B 112 -3.08 -26.01 -11.31
CA TYR B 112 -4.22 -25.73 -12.18
C TYR B 112 -5.45 -26.54 -11.78
N LEU B 113 -6.49 -25.86 -11.32
CA LEU B 113 -7.72 -26.53 -10.93
C LEU B 113 -8.64 -26.53 -12.18
N LYS B 114 -9.14 -27.71 -12.52
CA LYS B 114 -9.98 -27.90 -13.70
C LYS B 114 -11.33 -28.51 -13.38
N ALA B 115 -12.32 -28.20 -14.21
CA ALA B 115 -13.67 -28.73 -14.06
C ALA B 115 -14.45 -28.45 -15.35
N SER B 116 -15.36 -29.35 -15.72
CA SER B 116 -16.16 -29.19 -16.92
C SER B 116 -17.01 -27.91 -16.86
N LEU B 117 -17.28 -27.32 -18.02
CA LEU B 117 -18.11 -26.11 -18.05
C LEU B 117 -19.49 -26.37 -17.42
N ASP B 118 -19.92 -27.63 -17.47
CA ASP B 118 -21.20 -28.05 -16.89
C ASP B 118 -21.23 -27.71 -15.41
N VAL B 119 -20.24 -28.24 -14.69
CA VAL B 119 -20.09 -28.04 -13.27
C VAL B 119 -19.97 -26.57 -12.94
N LEU B 120 -19.17 -25.87 -13.75
CA LEU B 120 -18.97 -24.44 -13.54
C LEU B 120 -20.30 -23.68 -13.61
N ILE B 121 -21.10 -23.94 -14.64
CA ILE B 121 -22.38 -23.24 -14.74
C ILE B 121 -23.24 -23.67 -13.56
N ARG B 122 -23.26 -24.96 -13.25
CA ARG B 122 -24.05 -25.46 -12.13
C ARG B 122 -23.75 -24.67 -10.88
N ARG B 123 -22.47 -24.71 -10.48
CA ARG B 123 -22.05 -24.03 -9.28
C ARG B 123 -22.35 -22.56 -9.31
N ASN B 124 -22.23 -21.94 -10.48
CA ASN B 124 -22.50 -20.52 -10.56
C ASN B 124 -23.95 -20.18 -10.29
N ILE B 125 -24.84 -21.09 -10.68
CA ILE B 125 -26.26 -20.85 -10.44
C ILE B 125 -26.48 -20.96 -8.95
N GLU B 126 -25.89 -21.98 -8.35
CA GLU B 126 -26.00 -22.24 -6.93
C GLU B 126 -25.47 -21.08 -6.07
N ARG B 127 -24.79 -20.14 -6.70
CA ARG B 127 -24.24 -19.00 -5.99
C ARG B 127 -24.99 -17.71 -6.29
N GLY B 128 -26.14 -17.86 -6.94
CA GLY B 128 -26.97 -16.70 -7.27
C GLY B 128 -26.62 -16.03 -8.58
N GLU B 129 -25.83 -16.71 -9.39
CA GLU B 129 -25.39 -16.18 -10.66
C GLU B 129 -25.06 -14.70 -10.52
N LYS B 130 -24.21 -14.38 -9.57
CA LYS B 130 -23.82 -12.98 -9.39
C LYS B 130 -22.88 -12.65 -10.56
N ILE B 131 -22.24 -13.68 -11.09
CA ILE B 131 -21.43 -13.51 -12.28
C ILE B 131 -22.32 -14.19 -13.30
N PRO B 132 -22.75 -13.46 -14.33
CA PRO B 132 -23.62 -14.03 -15.37
C PRO B 132 -23.05 -15.29 -16.03
N ASN B 133 -23.88 -16.29 -16.21
CA ASN B 133 -23.42 -17.54 -16.82
C ASN B 133 -22.75 -17.31 -18.19
N GLU B 134 -23.18 -16.30 -18.91
CA GLU B 134 -22.60 -16.02 -20.21
C GLU B 134 -21.12 -15.65 -20.06
N VAL B 135 -20.82 -14.88 -19.02
CA VAL B 135 -19.45 -14.46 -18.77
C VAL B 135 -18.60 -15.66 -18.38
N ILE B 136 -19.20 -16.60 -17.66
CA ILE B 136 -18.47 -17.80 -17.26
C ILE B 136 -18.11 -18.56 -18.53
N LYS B 137 -19.10 -18.79 -19.38
CA LYS B 137 -18.88 -19.51 -20.63
C LYS B 137 -17.76 -18.85 -21.42
N LYS B 138 -17.81 -17.53 -21.51
CA LYS B 138 -16.78 -16.84 -22.28
C LYS B 138 -15.41 -17.03 -21.70
N MSE B 139 -15.28 -16.87 -20.38
CA MSE B 139 -14.01 -17.04 -19.71
C MSE B 139 -13.45 -18.45 -19.93
O MSE B 139 -12.26 -18.62 -20.06
CB MSE B 139 -14.15 -16.77 -18.20
CG MSE B 139 -14.35 -15.29 -17.86
SE MSE B 139 -14.48 -14.95 -15.95
CE MSE B 139 -12.58 -15.09 -15.52
N TYR B 140 -14.32 -19.44 -19.96
CA TYR B 140 -13.88 -20.81 -20.17
C TYR B 140 -13.19 -20.92 -21.52
N GLU B 141 -13.67 -20.17 -22.51
CA GLU B 141 -13.09 -20.21 -23.85
C GLU B 141 -11.77 -19.44 -23.99
N LYS B 142 -11.72 -18.24 -23.43
CA LYS B 142 -10.52 -17.44 -23.52
C LYS B 142 -9.38 -17.87 -22.60
N PHE B 143 -9.68 -18.64 -21.58
CA PHE B 143 -8.67 -19.09 -20.62
C PHE B 143 -7.40 -19.58 -21.32
N ASP B 144 -6.27 -19.17 -20.76
CA ASP B 144 -4.95 -19.54 -21.26
C ASP B 144 -4.54 -20.84 -20.60
N GLU B 145 -4.43 -21.91 -21.35
CA GLU B 145 -4.03 -23.18 -20.77
C GLU B 145 -2.60 -23.11 -20.21
N PRO B 146 -2.44 -23.34 -18.90
CA PRO B 146 -1.13 -23.31 -18.28
C PRO B 146 -0.12 -24.13 -19.06
N GLY B 147 1.03 -23.55 -19.33
CA GLY B 147 2.10 -24.25 -20.03
C GLY B 147 2.00 -24.42 -21.53
N LYS B 148 0.90 -24.01 -22.13
CA LYS B 148 0.76 -24.19 -23.57
C LYS B 148 1.72 -23.31 -24.36
N LYS B 149 2.19 -22.23 -23.74
CA LYS B 149 3.04 -21.26 -24.42
C LYS B 149 4.47 -21.18 -23.89
N TYR B 150 4.63 -21.32 -22.58
CA TYR B 150 5.95 -21.20 -21.98
C TYR B 150 6.25 -22.29 -20.99
N LYS B 151 7.49 -22.75 -21.02
CA LYS B 151 7.89 -23.82 -20.12
C LYS B 151 7.68 -23.37 -18.68
N TRP B 152 8.01 -22.11 -18.39
CA TRP B 152 7.89 -21.60 -17.04
C TRP B 152 6.44 -21.61 -16.56
N ASP B 153 5.50 -21.75 -17.49
CA ASP B 153 4.08 -21.75 -17.17
C ASP B 153 3.49 -23.15 -16.96
N GLU B 154 4.34 -24.18 -17.09
CA GLU B 154 3.93 -25.56 -16.92
C GLU B 154 3.48 -25.88 -15.48
N PRO B 155 2.23 -26.32 -15.32
CA PRO B 155 1.65 -26.65 -14.02
C PRO B 155 2.32 -27.75 -13.25
N PHE B 156 2.69 -27.44 -12.01
CA PHE B 156 3.32 -28.45 -11.15
C PHE B 156 2.32 -29.58 -10.91
N LEU B 157 1.03 -29.25 -10.80
CA LEU B 157 -0.02 -30.23 -10.61
C LEU B 157 -1.28 -29.78 -11.34
N ILE B 158 -2.11 -30.74 -11.73
CA ILE B 158 -3.38 -30.44 -12.39
C ILE B 158 -4.41 -31.18 -11.56
N ILE B 159 -5.33 -30.42 -10.98
CA ILE B 159 -6.34 -30.97 -10.12
C ILE B 159 -7.75 -30.95 -10.70
N ASP B 160 -8.39 -32.11 -10.64
CA ASP B 160 -9.76 -32.31 -11.15
C ASP B 160 -10.71 -32.09 -9.98
N THR B 161 -11.31 -30.91 -9.91
CA THR B 161 -12.20 -30.63 -8.78
C THR B 161 -13.55 -31.36 -8.80
N THR B 162 -13.70 -32.36 -9.66
CA THR B 162 -14.94 -33.14 -9.67
C THR B 162 -14.67 -34.44 -8.93
N LYS B 163 -13.39 -34.77 -8.77
CA LYS B 163 -13.01 -35.99 -8.07
C LYS B 163 -12.46 -35.65 -6.70
N ASP B 164 -12.23 -36.66 -5.87
CA ASP B 164 -11.69 -36.43 -4.54
C ASP B 164 -10.27 -35.92 -4.69
N ILE B 165 -9.82 -35.16 -3.69
CA ILE B 165 -8.48 -34.60 -3.69
C ILE B 165 -7.68 -35.08 -2.47
N ASP B 166 -6.44 -35.51 -2.68
CA ASP B 166 -5.59 -35.97 -1.59
C ASP B 166 -4.56 -34.91 -1.18
N PHE B 167 -4.97 -34.10 -0.22
CA PHE B 167 -4.15 -33.02 0.30
C PHE B 167 -2.83 -33.48 0.94
N ASN B 168 -2.83 -34.63 1.60
CA ASN B 168 -1.60 -35.11 2.19
C ASN B 168 -0.56 -35.36 1.11
N GLU B 169 -1.01 -35.88 -0.02
CA GLU B 169 -0.13 -36.20 -1.14
C GLU B 169 0.38 -34.90 -1.77
N ILE B 170 -0.52 -33.94 -1.95
CA ILE B 170 -0.16 -32.65 -2.52
C ILE B 170 0.89 -31.99 -1.62
N ALA B 171 0.57 -31.92 -0.33
CA ALA B 171 1.48 -31.36 0.67
C ALA B 171 2.86 -31.98 0.53
N LYS B 172 2.89 -33.30 0.62
CA LYS B 172 4.13 -34.05 0.49
C LYS B 172 4.93 -33.57 -0.74
N LYS B 173 4.31 -33.61 -1.91
CA LYS B 173 4.99 -33.18 -3.13
C LYS B 173 5.48 -31.73 -3.07
N LEU B 174 4.66 -30.83 -2.54
CA LEU B 174 5.05 -29.43 -2.45
C LEU B 174 6.22 -29.25 -1.49
N ILE B 175 6.16 -29.92 -0.33
CA ILE B 175 7.25 -29.80 0.63
C ILE B 175 8.56 -30.25 -0.05
N GLU B 176 8.53 -31.39 -0.75
CA GLU B 176 9.74 -31.84 -1.45
C GLU B 176 10.19 -30.75 -2.44
N LYS B 177 9.27 -30.20 -3.23
CA LYS B 177 9.65 -29.17 -4.18
C LYS B 177 10.27 -27.92 -3.53
N SER B 178 9.86 -27.59 -2.32
CA SER B 178 10.41 -26.42 -1.63
C SER B 178 11.85 -26.66 -1.24
N LYS B 179 12.29 -27.91 -1.32
CA LYS B 179 13.67 -28.24 -0.96
C LYS B 179 14.62 -28.22 -2.14
N GLU B 180 14.10 -27.92 -3.33
CA GLU B 180 14.94 -27.87 -4.51
C GLU B 180 15.64 -26.53 -4.59
N ILE B 181 16.53 -26.38 -5.57
CA ILE B 181 17.27 -25.14 -5.72
C ILE B 181 16.79 -24.35 -6.91
N PRO B 182 16.04 -23.28 -6.67
CA PRO B 182 15.57 -22.48 -7.79
C PRO B 182 16.71 -21.58 -8.25
N LYS B 183 17.38 -21.96 -9.33
CA LYS B 183 18.48 -21.15 -9.84
C LYS B 183 17.94 -20.14 -10.85
N PHE B 184 16.88 -20.54 -11.55
CA PHE B 184 16.21 -19.72 -12.56
C PHE B 184 16.97 -19.76 -13.88
N ASN B 196 37.84 -7.38 -23.75
CA ASN B 196 38.31 -6.11 -24.36
C ASN B 196 39.45 -6.31 -25.36
N ILE B 197 40.61 -5.72 -25.06
CA ILE B 197 41.81 -5.75 -25.90
C ILE B 197 41.91 -6.79 -27.01
N SER B 198 41.96 -8.06 -26.62
CA SER B 198 42.09 -9.15 -27.58
C SER B 198 40.99 -9.20 -28.64
N ASP B 199 39.74 -9.10 -28.21
CA ASP B 199 38.62 -9.15 -29.14
C ASP B 199 38.64 -7.92 -30.04
N LYS B 200 39.14 -6.80 -29.50
CA LYS B 200 39.25 -5.56 -30.26
C LYS B 200 40.17 -5.86 -31.42
N ILE B 201 41.29 -6.49 -31.10
CA ILE B 201 42.32 -6.86 -32.06
C ILE B 201 41.76 -7.75 -33.16
N ASP B 202 41.07 -8.83 -32.77
CA ASP B 202 40.49 -9.74 -33.74
C ASP B 202 39.49 -8.99 -34.63
N LYS B 203 38.54 -8.30 -33.99
CA LYS B 203 37.50 -7.54 -34.70
C LYS B 203 38.05 -6.58 -35.74
N GLU B 204 39.00 -5.75 -35.31
CA GLU B 204 39.60 -4.74 -36.16
C GLU B 204 40.55 -5.26 -37.22
N THR B 205 41.36 -6.25 -36.90
CA THR B 205 42.25 -6.82 -37.91
C THR B 205 41.39 -7.38 -39.04
N ARG B 206 40.18 -7.82 -38.70
CA ARG B 206 39.26 -8.39 -39.69
C ARG B 206 38.78 -7.31 -40.66
N LYS B 207 38.53 -6.13 -40.09
CA LYS B 207 38.07 -4.97 -40.85
C LYS B 207 39.15 -4.57 -41.85
N ILE B 208 40.36 -4.39 -41.34
CA ILE B 208 41.50 -4.01 -42.16
C ILE B 208 41.68 -4.97 -43.33
N VAL B 209 41.68 -6.26 -43.05
CA VAL B 209 41.83 -7.28 -44.07
C VAL B 209 40.77 -7.09 -45.17
N SER B 210 39.54 -6.76 -44.77
CA SER B 210 38.47 -6.55 -45.74
C SER B 210 38.69 -5.26 -46.53
N GLU B 211 39.24 -4.24 -45.87
CA GLU B 211 39.52 -2.96 -46.51
C GLU B 211 40.57 -3.17 -47.60
N TYR B 212 41.63 -3.90 -47.22
CA TYR B 212 42.75 -4.20 -48.11
C TYR B 212 42.33 -5.04 -49.33
N ILE B 213 41.57 -6.10 -49.10
CA ILE B 213 41.13 -6.95 -50.21
C ILE B 213 40.37 -6.14 -51.25
N LYS B 214 39.68 -5.10 -50.80
CA LYS B 214 38.89 -4.23 -51.68
C LYS B 214 39.78 -3.29 -52.50
N SER B 215 40.69 -2.60 -51.82
CA SER B 215 41.57 -1.65 -52.48
C SER B 215 42.58 -2.25 -53.46
N LYS B 216 42.68 -3.57 -53.52
CA LYS B 216 43.62 -4.22 -54.44
C LYS B 216 43.03 -5.34 -55.30
N LYS B 217 41.75 -5.64 -55.11
CA LYS B 217 41.08 -6.69 -55.89
C LYS B 217 42.02 -7.89 -56.11
N LEU B 218 42.64 -8.36 -55.04
CA LEU B 218 43.55 -9.50 -55.13
C LEU B 218 42.81 -10.70 -55.70
N ASP B 219 43.55 -11.71 -56.14
CA ASP B 219 42.95 -12.92 -56.70
C ASP B 219 42.75 -13.97 -55.62
N LYS B 220 41.94 -14.99 -55.92
CA LYS B 220 41.63 -16.07 -55.00
C LYS B 220 42.86 -16.61 -54.27
N ASP B 221 43.98 -16.66 -54.98
CA ASP B 221 45.22 -17.18 -54.40
C ASP B 221 45.92 -16.20 -53.48
N LYS B 222 45.87 -14.92 -53.82
CA LYS B 222 46.53 -13.88 -53.03
C LYS B 222 45.74 -13.40 -51.81
N ILE B 223 44.43 -13.65 -51.80
CA ILE B 223 43.63 -13.25 -50.64
C ILE B 223 43.97 -14.23 -49.53
N LYS B 224 44.04 -15.52 -49.88
CA LYS B 224 44.36 -16.57 -48.93
C LYS B 224 45.66 -16.27 -48.15
N GLU B 225 46.61 -15.64 -48.83
CA GLU B 225 47.88 -15.29 -48.17
C GLU B 225 47.63 -14.23 -47.12
N VAL B 226 46.82 -13.24 -47.47
CA VAL B 226 46.49 -12.18 -46.54
C VAL B 226 45.78 -12.74 -45.30
N VAL B 227 44.88 -13.68 -45.51
CA VAL B 227 44.16 -14.32 -44.42
C VAL B 227 45.18 -14.98 -43.51
N GLU B 228 46.02 -15.83 -44.10
CA GLU B 228 47.02 -16.53 -43.34
C GLU B 228 47.97 -15.51 -42.70
N LEU B 229 48.21 -14.43 -43.42
CA LEU B 229 49.08 -13.38 -42.90
C LEU B 229 48.50 -12.85 -41.58
N ARG B 230 47.17 -12.77 -41.50
CA ARG B 230 46.53 -12.28 -40.27
C ARG B 230 46.54 -13.33 -39.15
N LYS B 231 46.32 -14.60 -39.50
CA LYS B 231 46.31 -15.65 -38.49
C LYS B 231 47.67 -15.67 -37.82
N GLU B 232 48.72 -15.73 -38.63
CA GLU B 232 50.09 -15.75 -38.13
C GLU B 232 50.36 -14.53 -37.25
N PHE B 233 49.88 -13.37 -37.71
CA PHE B 233 50.05 -12.10 -37.01
C PHE B 233 49.37 -12.10 -35.63
N LEU B 234 48.11 -12.53 -35.61
CA LEU B 234 47.34 -12.58 -34.36
C LEU B 234 47.97 -13.56 -33.37
N LYS B 235 48.30 -14.76 -33.85
CA LYS B 235 48.90 -15.78 -33.01
C LYS B 235 50.16 -15.28 -32.31
N LYS B 236 51.01 -14.58 -33.06
CA LYS B 236 52.24 -14.01 -32.51
C LYS B 236 51.93 -13.00 -31.41
N ILE B 237 50.89 -12.19 -31.63
CA ILE B 237 50.50 -11.16 -30.68
C ILE B 237 49.94 -11.64 -29.34
N LYS B 238 49.15 -12.72 -29.35
CA LYS B 238 48.60 -13.21 -28.10
C LYS B 238 49.70 -13.86 -27.26
N LYS B 239 50.95 -13.72 -27.72
CA LYS B 239 52.10 -14.27 -27.00
C LYS B 239 52.80 -13.22 -26.15
N MSE B 240 52.70 -11.96 -26.57
CA MSE B 240 53.32 -10.86 -25.85
C MSE B 240 52.39 -10.44 -24.70
O MSE B 240 51.17 -10.47 -24.83
CB MSE B 240 53.57 -9.70 -26.80
CG MSE B 240 54.32 -10.15 -28.06
SE MSE B 240 54.74 -8.78 -29.34
CE MSE B 240 53.21 -8.92 -30.49
N GLU B 241 53.00 -10.08 -23.56
CA GLU B 241 52.24 -9.68 -22.37
C GLU B 241 51.59 -8.31 -22.48
N GLU B 242 52.43 -7.29 -22.70
CA GLU B 242 51.98 -5.90 -22.83
C GLU B 242 51.39 -5.65 -24.22
N VAL B 243 50.09 -5.38 -24.29
CA VAL B 243 49.45 -5.13 -25.57
C VAL B 243 48.56 -3.90 -25.55
N ASP B 244 48.83 -2.98 -26.47
CA ASP B 244 48.04 -1.74 -26.58
C ASP B 244 47.29 -1.73 -27.91
N ALA B 245 45.98 -1.82 -27.82
CA ALA B 245 45.12 -1.84 -29.01
C ALA B 245 45.61 -0.98 -30.18
N ASP B 246 45.56 0.34 -30.01
CA ASP B 246 45.97 1.27 -31.07
C ASP B 246 47.32 1.00 -31.72
N ARG B 247 48.34 0.72 -30.91
CA ARG B 247 49.68 0.45 -31.42
C ARG B 247 49.78 -0.85 -32.22
N VAL B 248 49.08 -1.89 -31.76
CA VAL B 248 49.08 -3.19 -32.42
C VAL B 248 48.40 -3.09 -33.78
N LEU B 249 47.29 -2.36 -33.83
CA LEU B 249 46.55 -2.18 -35.07
C LEU B 249 47.39 -1.44 -36.10
N LYS B 250 48.19 -0.49 -35.64
CA LYS B 250 49.04 0.27 -36.55
C LYS B 250 50.09 -0.67 -37.12
N GLU B 251 50.58 -1.56 -36.28
CA GLU B 251 51.59 -2.51 -36.72
C GLU B 251 51.03 -3.44 -37.78
N PHE B 252 49.73 -3.72 -37.68
CA PHE B 252 49.08 -4.61 -38.65
C PHE B 252 48.83 -3.93 -39.98
N LYS B 253 48.40 -2.67 -39.93
CA LYS B 253 48.12 -1.93 -41.15
C LYS B 253 49.36 -1.83 -42.01
N ASP B 254 50.50 -1.57 -41.39
CA ASP B 254 51.73 -1.44 -42.15
C ASP B 254 52.28 -2.79 -42.58
N LEU B 255 51.93 -3.85 -41.86
CA LEU B 255 52.38 -5.18 -42.23
C LEU B 255 51.75 -5.53 -43.57
N LEU B 256 50.52 -5.05 -43.78
CA LEU B 256 49.78 -5.29 -45.01
C LEU B 256 50.22 -4.34 -46.14
N ASN B 257 50.64 -3.14 -45.77
CA ASN B 257 51.10 -2.17 -46.75
C ASN B 257 52.41 -2.59 -47.41
N SER B 258 53.22 -3.37 -46.71
CA SER B 258 54.49 -3.84 -47.25
C SER B 258 54.52 -5.34 -47.55
N TYR B 259 53.36 -5.92 -47.86
CA TYR B 259 53.31 -7.35 -48.17
C TYR B 259 52.79 -7.63 -49.58
PG ANP E . -15.87 -9.48 15.87
O1G ANP E . -15.63 -10.88 16.36
O2G ANP E . -15.24 -8.31 16.78
O3G ANP E . -15.35 -9.35 14.44
PB ANP E . -18.23 -7.91 15.17
O1B ANP E . -18.02 -6.82 16.16
O2B ANP E . -17.82 -7.70 13.76
N3B ANP E . -17.47 -9.28 15.78
PA ANP E . -20.53 -8.84 13.85
O1A ANP E . -20.92 -7.63 13.10
O2A ANP E . -19.68 -9.86 13.15
O3A ANP E . -19.76 -8.35 15.22
O5' ANP E . -21.87 -9.58 14.38
C5' ANP E . -21.73 -10.77 15.20
C4' ANP E . -23.08 -11.41 15.53
O4' ANP E . -24.00 -10.35 16.06
C3' ANP E . -23.77 -11.92 14.25
O3' ANP E . -24.85 -12.80 14.61
C2' ANP E . -24.32 -10.59 13.75
O2' ANP E . -25.30 -10.83 12.77
C1' ANP E . -25.01 -10.12 15.02
N9 ANP E . -25.39 -8.69 14.90
C8 ANP E . -24.60 -7.69 14.48
N7 ANP E . -25.30 -6.54 14.47
C5 ANP E . -26.54 -6.82 14.88
C6 ANP E . -27.69 -6.04 15.08
N6 ANP E . -27.68 -4.73 14.83
N1 ANP E . -28.81 -6.63 15.52
C2 ANP E . -28.83 -7.93 15.77
N3 ANP E . -27.75 -8.71 15.59
C4 ANP E . -26.60 -8.18 15.14
MG MG F . -16.00 -8.27 12.76
PG ANP G . -14.20 -17.59 -7.35
O1G ANP G . -15.48 -16.79 -7.57
O2G ANP G . -13.17 -17.69 -8.60
O3G ANP G . -13.50 -17.00 -6.10
PB ANP G . -13.58 -20.30 -6.49
O1B ANP G . -12.92 -20.82 -7.72
O2B ANP G . -12.69 -19.81 -5.36
N3B ANP G . -14.60 -19.08 -6.92
PA ANP G . -15.01 -21.79 -4.52
O1A ANP G . -13.89 -22.45 -3.83
O2A ANP G . -15.56 -20.53 -3.93
O3A ANP G . -14.56 -21.50 -6.07
O5' ANP G . -16.20 -22.88 -4.67
C5' ANP G . -17.42 -22.55 -5.39
C4' ANP G . -18.52 -23.63 -5.21
O4' ANP G . -18.00 -24.98 -5.56
C3' ANP G . -19.00 -23.77 -3.74
O3' ANP G . -20.30 -24.39 -3.72
C2' ANP G . -17.99 -24.76 -3.20
O2' ANP G . -18.54 -25.33 -2.02
C1' ANP G . -18.00 -25.78 -4.33
N9 ANP G . -16.79 -26.63 -4.28
C8 ANP G . -15.57 -26.18 -3.93
N7 ANP G . -14.68 -27.19 -4.04
C5 ANP G . -15.35 -28.26 -4.42
C6 ANP G . -14.95 -29.56 -4.73
N6 ANP G . -13.70 -29.94 -4.55
N1 ANP G . -15.86 -30.46 -5.11
C2 ANP G . -17.14 -30.07 -5.28
N3 ANP G . -17.56 -28.83 -5.00
C4 ANP G . -16.68 -27.90 -4.63
MG MG H . -12.51 -17.89 -4.59
#